data_6YZ3
#
_entry.id   6YZ3
#
_cell.length_a   119.318
_cell.length_b   119.318
_cell.length_c   114.758
_cell.angle_alpha   90.000
_cell.angle_beta   90.000
_cell.angle_gamma   120.000
#
_symmetry.space_group_name_H-M   'P 65 2 2'
#
loop_
_entity.id
_entity.type
_entity.pdbx_description
1 polymer 'LysR family transcriptional regulator'
2 non-polymer 1,2-ETHANEDIOL
3 non-polymer 6-chloranyl-3-[(2-hexyl-2,3-dihydro-1,3-thiazol-4-yl)methyl]quinazolin-4-one
4 water water
#
_entity_poly.entity_id   1
_entity_poly.type   'polypeptide(L)'
_entity_poly.pdbx_seq_one_letter_code
;MGSSHHHHHHSSGLVPRGSHMASNLRVLLDTAIPPSFCDTVSSVLLDDFNMVSLIRTSPADSLATIKQDNAEIDIAITID
EELKISRFNQCVLGYTKAFVVAHPQHPLCNASLHSIASLANYRQISLGSRSGQHSNLLRPVSDKVLFVENFDDMLRLVEA
GVGWGIAPHYFVEERLRNGTLAVLSELYEPGGIDTKVYCYYNTALESERSFLRFLESARQRLRELGRQRFDDAPAWQPS
;
_entity_poly.pdbx_strand_id   AAA
#
loop_
_chem_comp.id
_chem_comp.type
_chem_comp.name
_chem_comp.formula
EDO non-polymer 1,2-ETHANEDIOL 'C2 H6 O2'
Q25 non-polymer 6-chloranyl-3-[(2-hexyl-2,3-dihydro-1,3-thiazol-4-yl)methyl]quinazolin-4-one 'C18 H20 Cl N3 O S'
#
# COMPACT_ATOMS: atom_id res chain seq x y z
N ASN A 24 1.48 23.11 -12.11
CA ASN A 24 1.71 21.61 -12.11
C ASN A 24 1.52 21.01 -10.73
N LEU A 25 0.54 20.13 -10.58
CA LEU A 25 0.23 19.39 -9.34
C LEU A 25 0.90 18.02 -9.39
N ARG A 26 1.96 17.83 -8.59
CA ARG A 26 2.68 16.54 -8.47
C ARG A 26 1.97 15.65 -7.45
N VAL A 27 1.67 14.41 -7.81
CA VAL A 27 0.80 13.48 -7.02
C VAL A 27 1.46 12.11 -6.95
N LEU A 28 1.56 11.58 -5.73
CA LEU A 28 2.27 10.32 -5.48
C LEU A 28 1.22 9.29 -5.07
N LEU A 29 1.30 8.12 -5.69
CA LEU A 29 0.47 6.96 -5.33
C LEU A 29 1.39 5.77 -5.12
N ASP A 30 1.34 5.12 -3.97
CA ASP A 30 2.24 3.98 -3.75
C ASP A 30 1.62 2.82 -4.50
N THR A 31 2.41 1.78 -4.70
CA THR A 31 2.01 0.61 -5.51
C THR A 31 0.96 -0.21 -4.76
N ALA A 32 0.70 0.08 -3.49
CA ALA A 32 -0.31 -0.67 -2.70
C ALA A 32 -1.69 -0.13 -3.00
N ILE A 33 -1.75 1.04 -3.64
CA ILE A 33 -3.03 1.71 -4.00
C ILE A 33 -3.60 0.96 -5.18
N PRO A 34 -4.86 0.48 -5.11
CA PRO A 34 -5.48 -0.24 -6.23
C PRO A 34 -5.54 0.67 -7.43
N PRO A 35 -5.39 0.13 -8.66
CA PRO A 35 -5.37 0.98 -9.86
C PRO A 35 -6.77 1.54 -10.19
N SER A 36 -7.84 0.88 -9.73
CA SER A 36 -9.21 1.45 -9.73
C SER A 36 -9.17 2.82 -9.04
N PHE A 37 -8.75 2.82 -7.78
CA PHE A 37 -8.59 4.02 -6.92
C PHE A 37 -7.67 5.03 -7.62
N CYS A 38 -6.68 4.57 -8.36
CA CYS A 38 -5.77 5.44 -9.13
C CYS A 38 -6.57 6.19 -10.21
N ASP A 39 -7.56 5.56 -10.82
CA ASP A 39 -8.35 6.21 -11.92
C ASP A 39 -9.32 7.19 -11.27
N THR A 40 -9.78 6.88 -10.07
CA THR A 40 -10.71 7.76 -9.30
C THR A 40 -10.01 9.09 -8.98
N VAL A 41 -8.72 9.03 -8.71
CA VAL A 41 -7.94 10.23 -8.36
C VAL A 41 -7.63 10.96 -9.68
N SER A 42 -7.02 10.26 -10.65
CA SER A 42 -6.51 10.83 -11.92
C SER A 42 -7.63 11.56 -12.63
N SER A 43 -8.84 10.99 -12.56
CA SER A 43 -10.07 11.59 -13.12
C SER A 43 -10.29 12.95 -12.46
N VAL A 44 -10.60 12.93 -11.15
CA VAL A 44 -11.20 14.10 -10.46
C VAL A 44 -10.26 15.29 -10.57
N LEU A 45 -8.95 15.03 -10.54
CA LEU A 45 -7.97 16.13 -10.46
C LEU A 45 -8.03 16.95 -11.75
N LEU A 46 -8.27 16.28 -12.89
CA LEU A 46 -8.23 16.93 -14.22
C LEU A 46 -9.40 17.90 -14.35
N ASP A 47 -10.46 17.71 -13.54
CA ASP A 47 -11.63 18.63 -13.49
C ASP A 47 -11.17 20.03 -13.09
N ASP A 48 -10.33 20.13 -12.05
CA ASP A 48 -9.89 21.41 -11.44
C ASP A 48 -8.48 21.80 -11.93
N PHE A 49 -7.68 20.85 -12.42
CA PHE A 49 -6.24 21.09 -12.66
C PHE A 49 -5.87 20.89 -14.13
N ASN A 50 -4.88 21.66 -14.58
CA ASN A 50 -4.43 21.71 -16.00
C ASN A 50 -3.30 20.73 -16.21
N MET A 51 -2.31 20.78 -15.33
CA MET A 51 -1.13 19.90 -15.40
C MET A 51 -1.08 19.06 -14.11
N VAL A 52 -1.01 17.75 -14.24
CA VAL A 52 -1.13 16.78 -13.11
C VAL A 52 -0.14 15.64 -13.33
N SER A 53 1.00 15.64 -12.65
CA SER A 53 2.01 14.56 -12.77
C SER A 53 1.69 13.46 -11.76
N LEU A 54 1.63 12.21 -12.21
CA LEU A 54 1.31 11.02 -11.35
C LEU A 54 2.57 10.18 -11.18
N ILE A 55 2.87 9.80 -9.96
CA ILE A 55 4.16 9.12 -9.61
C ILE A 55 3.86 7.88 -8.78
N ARG A 56 4.37 6.73 -9.21
CA ARG A 56 4.27 5.49 -8.41
C ARG A 56 5.52 5.40 -7.56
N THR A 57 5.37 4.73 -6.43
CA THR A 57 6.47 4.52 -5.47
C THR A 57 6.12 3.29 -4.63
N SER A 58 7.15 2.66 -4.11
CA SER A 58 6.96 1.62 -3.07
C SER A 58 6.25 2.28 -1.89
N PRO A 59 5.32 1.56 -1.24
CA PRO A 59 4.76 2.06 0.01
C PRO A 59 5.88 2.40 0.98
N ALA A 60 7.01 1.66 0.88
CA ALA A 60 8.20 1.81 1.74
C ALA A 60 8.96 3.10 1.40
N ASP A 61 8.70 3.68 0.23
CA ASP A 61 9.44 4.89 -0.23
C ASP A 61 8.52 6.12 -0.28
N SER A 62 7.21 5.96 -0.06
CA SER A 62 6.25 7.08 -0.20
C SER A 62 6.64 8.23 0.73
N LEU A 63 6.50 8.05 2.04
CA LEU A 63 6.71 9.18 2.98
C LEU A 63 8.15 9.66 2.89
N ALA A 64 9.11 8.76 2.68
CA ALA A 64 10.53 9.15 2.52
C ALA A 64 10.67 10.17 1.38
N THR A 65 9.99 9.92 0.25
CA THR A 65 10.07 10.75 -0.97
C THR A 65 9.55 12.16 -0.71
N ILE A 66 8.37 12.26 -0.13
CA ILE A 66 7.64 13.56 -0.03
C ILE A 66 8.40 14.47 0.93
N LYS A 67 9.27 13.91 1.77
CA LYS A 67 10.03 14.70 2.77
C LYS A 67 11.22 15.40 2.10
N GLN A 68 11.68 14.92 0.95
CA GLN A 68 12.66 15.68 0.13
C GLN A 68 11.96 16.89 -0.51
N ASP A 69 12.52 18.08 -0.33
CA ASP A 69 11.96 19.35 -0.88
C ASP A 69 12.09 19.33 -2.40
N ASN A 70 13.14 18.70 -2.93
CA ASN A 70 13.39 18.53 -4.39
C ASN A 70 12.15 17.92 -5.06
N ALA A 71 11.58 16.88 -4.45
CA ALA A 71 10.47 16.10 -5.04
C ALA A 71 9.27 17.02 -5.27
N GLU A 72 9.14 18.11 -4.52
CA GLU A 72 8.06 19.09 -4.72
C GLU A 72 6.71 18.36 -4.90
N ILE A 73 6.53 17.24 -4.19
CA ILE A 73 5.22 16.51 -4.12
C ILE A 73 4.19 17.38 -3.41
N ASP A 74 2.96 17.37 -3.91
CA ASP A 74 1.86 18.22 -3.39
C ASP A 74 0.86 17.30 -2.71
N ILE A 75 0.68 16.09 -3.23
CA ILE A 75 -0.33 15.13 -2.70
C ILE A 75 0.25 13.73 -2.80
N ALA A 76 0.19 12.98 -1.71
CA ALA A 76 0.64 11.58 -1.69
C ALA A 76 -0.51 10.73 -1.18
N ILE A 77 -0.73 9.62 -1.86
CA ILE A 77 -1.80 8.65 -1.53
C ILE A 77 -1.07 7.37 -1.20
N THR A 78 -1.00 7.05 0.09
CA THR A 78 -0.18 5.89 0.53
C THR A 78 -0.85 5.20 1.71
N ILE A 79 -0.51 3.94 1.90
CA ILE A 79 -1.01 3.15 3.06
C ILE A 79 -0.15 3.43 4.29
N ASP A 80 1.06 3.95 4.06
CA ASP A 80 2.04 4.15 5.15
C ASP A 80 1.60 5.30 6.06
N GLU A 81 1.98 5.24 7.34
CA GLU A 81 1.51 6.21 8.36
C GLU A 81 2.71 6.79 9.11
N GLU A 82 2.63 8.07 9.43
CA GLU A 82 3.64 8.78 10.24
C GLU A 82 2.94 9.98 10.88
N LEU A 83 3.22 10.19 12.17
CA LEU A 83 2.32 10.93 13.08
C LEU A 83 2.12 12.34 12.53
N LYS A 84 3.17 13.15 12.45
CA LYS A 84 3.15 14.42 11.69
C LYS A 84 4.37 14.52 10.79
N ILE A 85 4.18 15.14 9.63
CA ILE A 85 5.24 15.44 8.64
C ILE A 85 5.35 16.96 8.57
N SER A 86 6.56 17.46 8.32
CA SER A 86 6.81 18.88 7.97
C SER A 86 5.94 19.28 6.78
N ARG A 87 5.17 20.35 6.93
CA ARG A 87 4.56 21.06 5.77
C ARG A 87 3.43 20.21 5.19
N PHE A 88 3.03 19.12 5.84
CA PHE A 88 2.09 18.14 5.23
C PHE A 88 1.02 17.73 6.23
N ASN A 89 -0.24 17.82 5.82
CA ASN A 89 -1.41 17.35 6.61
C ASN A 89 -1.83 15.96 6.14
N GLN A 90 -2.43 15.21 7.05
CA GLN A 90 -2.88 13.83 6.83
C GLN A 90 -4.42 13.81 6.81
N CYS A 91 -5.00 12.81 6.17
CA CYS A 91 -6.44 12.47 6.26
C CYS A 91 -6.67 11.13 5.58
N VAL A 92 -7.85 10.58 5.72
CA VAL A 92 -8.15 9.20 5.25
C VAL A 92 -9.03 9.29 4.02
N LEU A 93 -8.51 8.87 2.85
CA LEU A 93 -9.31 8.77 1.61
C LEU A 93 -10.23 7.55 1.69
N GLY A 94 -9.70 6.43 2.15
CA GLY A 94 -10.51 5.22 2.31
C GLY A 94 -9.71 4.07 2.87
N TYR A 95 -10.22 2.87 2.63
CA TYR A 95 -9.66 1.60 3.14
C TYR A 95 -9.44 0.64 1.96
N THR A 96 -8.51 -0.27 2.11
CA THR A 96 -8.13 -1.30 1.11
C THR A 96 -7.67 -2.55 1.85
N LYS A 97 -7.61 -3.67 1.14
CA LYS A 97 -7.39 -5.00 1.74
C LYS A 97 -6.00 -5.48 1.36
N ALA A 98 -5.41 -6.26 2.24
CA ALA A 98 -4.12 -6.92 2.03
C ALA A 98 -4.24 -8.34 2.58
N PHE A 99 -3.47 -9.25 2.02
CA PHE A 99 -3.44 -10.64 2.48
C PHE A 99 -2.00 -11.07 2.72
N VAL A 100 -1.84 -11.96 3.69
CA VAL A 100 -0.57 -12.69 3.86
C VAL A 100 -0.70 -13.93 3.01
N VAL A 101 0.21 -14.10 2.06
CA VAL A 101 0.13 -15.19 1.05
C VAL A 101 1.41 -16.02 1.09
N ALA A 102 1.25 -17.29 0.68
CA ALA A 102 2.34 -18.27 0.51
C ALA A 102 1.98 -19.30 -0.58
N HIS A 103 2.98 -20.03 -1.07
CA HIS A 103 2.81 -21.19 -1.97
C HIS A 103 1.90 -22.20 -1.28
N PRO A 104 0.86 -22.73 -1.95
CA PRO A 104 -0.10 -23.59 -1.26
C PRO A 104 0.57 -24.76 -0.51
N GLN A 105 1.71 -25.23 -1.01
CA GLN A 105 2.43 -26.38 -0.42
C GLN A 105 3.29 -25.87 0.72
N HIS A 106 3.38 -24.56 0.91
CA HIS A 106 4.19 -23.95 1.99
C HIS A 106 3.76 -24.59 3.30
N PRO A 107 4.71 -24.91 4.21
CA PRO A 107 4.40 -25.62 5.45
C PRO A 107 3.13 -25.15 6.17
N LEU A 108 2.90 -23.84 6.20
CA LEU A 108 1.86 -23.19 7.04
C LEU A 108 0.52 -23.17 6.30
N CYS A 109 0.36 -23.97 5.25
CA CYS A 109 -0.90 -24.11 4.46
C CYS A 109 -2.12 -24.32 5.38
N ASN A 110 -1.99 -25.08 6.48
CA ASN A 110 -3.12 -25.40 7.41
C ASN A 110 -3.65 -24.10 8.05
N ALA A 111 -2.84 -23.04 8.09
CA ALA A 111 -3.24 -21.65 8.42
C ALA A 111 -3.89 -21.57 9.81
N SER A 112 -3.58 -22.52 10.71
CA SER A 112 -4.12 -22.55 12.10
C SER A 112 -3.30 -21.59 12.98
N LEU A 113 -3.66 -21.45 14.25
CA LEU A 113 -3.17 -20.35 15.13
C LEU A 113 -1.72 -20.56 15.55
N HIS A 114 -1.16 -21.76 15.39
CA HIS A 114 0.29 -22.02 15.58
C HIS A 114 1.06 -21.41 14.41
N SER A 115 0.48 -21.43 13.20
CA SER A 115 1.09 -20.83 11.98
C SER A 115 1.05 -19.30 12.10
N ILE A 116 0.04 -18.75 12.79
CA ILE A 116 -0.14 -17.28 12.97
C ILE A 116 1.01 -16.71 13.81
N ALA A 117 1.66 -17.54 14.65
CA ALA A 117 2.86 -17.13 15.42
C ALA A 117 4.15 -17.63 14.75
N SER A 118 4.06 -18.70 13.94
CA SER A 118 5.23 -19.33 13.25
C SER A 118 5.83 -18.40 12.19
N LEU A 119 5.09 -17.38 11.75
CA LEU A 119 5.56 -16.43 10.72
C LEU A 119 6.89 -15.81 11.14
N ALA A 120 7.07 -15.55 12.45
CA ALA A 120 8.31 -14.94 12.98
C ALA A 120 9.50 -15.87 12.71
N ASN A 121 9.22 -17.15 12.42
CA ASN A 121 10.26 -18.20 12.26
C ASN A 121 10.52 -18.48 10.78
N TYR A 122 9.53 -18.27 9.90
CA TYR A 122 9.66 -18.56 8.46
C TYR A 122 10.09 -17.31 7.69
N ARG A 123 10.63 -17.51 6.49
CA ARG A 123 11.24 -16.41 5.70
C ARG A 123 10.11 -15.56 5.17
N GLN A 124 10.23 -14.26 5.37
CA GLN A 124 9.28 -13.24 4.85
C GLN A 124 9.93 -12.52 3.67
N ILE A 125 9.17 -12.34 2.60
CA ILE A 125 9.53 -11.45 1.46
C ILE A 125 8.92 -10.07 1.74
N SER A 126 9.75 -9.16 2.21
CA SER A 126 9.34 -7.83 2.70
C SER A 126 9.76 -6.77 1.67
N LEU A 127 8.98 -5.70 1.54
CA LEU A 127 9.37 -4.55 0.69
C LEU A 127 10.62 -3.89 1.26
N GLY A 128 11.65 -3.72 0.45
CA GLY A 128 12.81 -2.88 0.79
C GLY A 128 12.50 -1.40 0.62
N SER A 129 13.24 -0.55 1.31
CA SER A 129 13.17 0.92 1.19
C SER A 129 14.55 1.47 0.83
N ARG A 130 14.65 2.28 -0.22
CA ARG A 130 15.87 3.09 -0.51
C ARG A 130 16.41 3.71 0.80
N SER A 131 15.57 4.34 1.62
CA SER A 131 15.98 5.06 2.86
C SER A 131 16.56 4.06 3.87
N GLY A 132 16.53 2.75 3.59
CA GLY A 132 17.03 1.71 4.51
C GLY A 132 16.13 1.50 5.71
N GLN A 133 15.41 2.54 6.14
CA GLN A 133 14.49 2.51 7.31
C GLN A 133 13.08 2.07 6.91
N HIS A 134 12.30 1.61 7.89
CA HIS A 134 10.90 1.13 7.70
C HIS A 134 9.99 1.70 8.77
N SER A 135 8.71 1.88 8.47
CA SER A 135 7.72 2.35 9.47
C SER A 135 7.34 1.16 10.34
N ASN A 136 6.64 1.41 11.44
CA ASN A 136 6.06 0.33 12.28
C ASN A 136 5.25 -0.59 11.37
N LEU A 137 4.56 0.03 10.41
CA LEU A 137 3.57 -0.64 9.55
C LEU A 137 4.29 -1.58 8.58
N LEU A 138 5.35 -1.12 7.91
CA LEU A 138 5.95 -1.89 6.78
C LEU A 138 7.19 -2.65 7.24
N ARG A 139 7.65 -2.42 8.47
CA ARG A 139 8.78 -3.19 9.06
C ARG A 139 8.42 -4.68 9.01
N PRO A 140 9.37 -5.57 8.63
CA PRO A 140 9.08 -7.00 8.60
C PRO A 140 8.88 -7.57 10.01
N VAL A 141 8.21 -8.71 10.11
CA VAL A 141 7.85 -9.34 11.41
C VAL A 141 8.89 -10.40 11.77
N SER A 142 9.44 -11.14 10.79
CA SER A 142 10.33 -12.30 11.04
C SER A 142 11.79 -11.86 10.96
N ASP A 143 12.70 -12.75 11.35
CA ASP A 143 14.17 -12.48 11.27
C ASP A 143 14.69 -13.04 9.94
N LYS A 144 14.04 -14.08 9.43
CA LYS A 144 14.32 -14.55 8.06
C LYS A 144 13.58 -13.59 7.11
N VAL A 145 14.27 -12.50 6.72
CA VAL A 145 13.70 -11.47 5.81
C VAL A 145 14.52 -11.42 4.54
N LEU A 146 13.83 -11.35 3.40
CA LEU A 146 14.46 -11.12 2.07
C LEU A 146 13.77 -9.93 1.41
N PHE A 147 14.48 -8.81 1.28
CA PHE A 147 13.94 -7.54 0.77
C PHE A 147 13.81 -7.55 -0.77
N VAL A 148 12.79 -6.89 -1.29
CA VAL A 148 12.51 -6.69 -2.75
C VAL A 148 11.98 -5.28 -2.96
N GLU A 149 12.07 -4.73 -4.19
CA GLU A 149 11.70 -3.33 -4.51
C GLU A 149 10.19 -3.21 -4.71
N ASN A 150 9.50 -4.29 -5.07
CA ASN A 150 8.09 -4.17 -5.50
C ASN A 150 7.33 -5.47 -5.28
N PHE A 151 6.02 -5.42 -5.47
CA PHE A 151 5.11 -6.54 -5.14
C PHE A 151 5.27 -7.66 -6.17
N ASP A 152 5.78 -7.36 -7.36
CA ASP A 152 5.96 -8.40 -8.41
C ASP A 152 7.11 -9.31 -7.99
N ASP A 153 8.25 -8.71 -7.64
CA ASP A 153 9.41 -9.46 -7.12
C ASP A 153 8.97 -10.28 -5.90
N MET A 154 8.16 -9.68 -5.04
CA MET A 154 7.68 -10.37 -3.83
C MET A 154 6.93 -11.63 -4.25
N LEU A 155 5.88 -11.51 -5.05
CA LEU A 155 4.97 -12.64 -5.33
C LEU A 155 5.65 -13.64 -6.26
N ARG A 156 6.66 -13.22 -7.01
CA ARG A 156 7.50 -14.17 -7.78
C ARG A 156 8.15 -15.13 -6.77
N LEU A 157 8.93 -14.60 -5.84
CA LEU A 157 9.62 -15.41 -4.79
C LEU A 157 8.59 -16.19 -3.95
N VAL A 158 7.43 -15.64 -3.73
CA VAL A 158 6.42 -16.33 -2.89
C VAL A 158 5.85 -17.49 -3.70
N GLU A 159 5.63 -17.32 -5.00
CA GLU A 159 5.12 -18.42 -5.87
C GLU A 159 6.13 -19.57 -5.87
N ALA A 160 7.41 -19.25 -5.68
CA ALA A 160 8.52 -20.23 -5.66
C ALA A 160 8.76 -20.76 -4.24
N GLY A 161 7.78 -20.64 -3.34
CA GLY A 161 7.86 -21.16 -1.95
C GLY A 161 9.05 -20.62 -1.16
N VAL A 162 9.70 -19.56 -1.65
CA VAL A 162 10.94 -19.01 -1.03
C VAL A 162 10.62 -18.41 0.33
N GLY A 163 9.44 -17.83 0.46
CA GLY A 163 8.89 -17.33 1.72
C GLY A 163 7.45 -16.87 1.57
N TRP A 164 6.93 -16.20 2.60
CA TRP A 164 5.57 -15.61 2.65
C TRP A 164 5.71 -14.07 2.57
N GLY A 165 4.61 -13.38 2.26
CA GLY A 165 4.60 -11.91 2.20
C GLY A 165 3.20 -11.32 2.33
N ILE A 166 3.15 -10.02 2.55
CA ILE A 166 1.88 -9.24 2.63
C ILE A 166 1.79 -8.39 1.38
N ALA A 167 0.79 -8.64 0.55
CA ALA A 167 0.58 -7.89 -0.70
C ALA A 167 -0.85 -7.37 -0.78
N PRO A 168 -1.07 -6.30 -1.56
CA PRO A 168 -2.41 -5.80 -1.86
C PRO A 168 -3.34 -6.88 -2.45
N HIS A 169 -4.63 -6.72 -2.22
CA HIS A 169 -5.67 -7.65 -2.71
C HIS A 169 -5.56 -7.75 -4.22
N TYR A 170 -5.47 -6.62 -4.91
CA TYR A 170 -5.55 -6.59 -6.39
C TYR A 170 -4.34 -7.30 -6.98
N PHE A 171 -3.21 -7.34 -6.28
CA PHE A 171 -1.99 -8.06 -6.74
C PHE A 171 -2.18 -9.58 -6.63
N VAL A 172 -3.03 -10.08 -5.75
CA VAL A 172 -3.12 -11.54 -5.48
C VAL A 172 -4.52 -12.05 -5.81
N GLU A 173 -5.41 -11.19 -6.33
CA GLU A 173 -6.80 -11.63 -6.60
C GLU A 173 -6.71 -12.75 -7.64
N GLU A 174 -5.96 -12.51 -8.72
CA GLU A 174 -5.81 -13.46 -9.84
C GLU A 174 -5.26 -14.79 -9.31
N ARG A 175 -4.01 -14.76 -8.85
CA ARG A 175 -3.26 -15.97 -8.46
C ARG A 175 -4.03 -16.81 -7.43
N LEU A 176 -4.86 -16.20 -6.57
CA LEU A 176 -5.55 -16.97 -5.50
C LEU A 176 -6.58 -17.89 -6.13
N ARG A 177 -7.44 -17.37 -7.03
CA ARG A 177 -8.47 -18.19 -7.71
C ARG A 177 -7.77 -19.26 -8.55
N ASN A 178 -6.66 -18.89 -9.17
CA ASN A 178 -5.84 -19.80 -10.02
C ASN A 178 -4.98 -20.73 -9.15
N GLY A 179 -5.26 -20.86 -7.85
CA GLY A 179 -4.62 -21.84 -6.94
C GLY A 179 -3.09 -21.69 -6.79
N THR A 180 -2.44 -20.77 -7.51
CA THR A 180 -0.96 -20.60 -7.50
C THR A 180 -0.52 -20.13 -6.09
N LEU A 181 -1.43 -19.48 -5.35
CA LEU A 181 -1.18 -18.87 -4.02
C LEU A 181 -2.29 -19.22 -3.03
N ALA A 182 -1.95 -19.25 -1.75
CA ALA A 182 -2.93 -19.44 -0.65
C ALA A 182 -2.80 -18.31 0.39
N VAL A 183 -3.84 -18.14 1.20
CA VAL A 183 -3.91 -17.09 2.24
C VAL A 183 -3.54 -17.66 3.61
N LEU A 184 -2.89 -16.87 4.46
CA LEU A 184 -2.57 -17.26 5.86
C LEU A 184 -3.29 -16.38 6.89
N SER A 185 -3.89 -15.29 6.44
CA SER A 185 -4.27 -14.13 7.28
C SER A 185 -5.67 -14.34 7.89
N GLU A 186 -6.47 -15.26 7.34
CA GLU A 186 -7.92 -15.27 7.63
C GLU A 186 -8.21 -15.46 9.13
N LEU A 187 -7.32 -16.09 9.92
CA LEU A 187 -7.54 -16.20 11.39
C LEU A 187 -7.16 -14.88 12.03
N TYR A 188 -6.05 -14.28 11.61
CA TYR A 188 -5.59 -12.97 12.16
C TYR A 188 -6.68 -11.93 11.92
N GLU A 189 -7.19 -11.88 10.69
CA GLU A 189 -8.21 -10.89 10.26
C GLU A 189 -8.97 -11.46 9.09
N PRO A 190 -10.15 -12.07 9.35
CA PRO A 190 -11.02 -12.55 8.28
C PRO A 190 -11.31 -11.45 7.26
N GLY A 191 -11.49 -11.83 6.00
CA GLY A 191 -11.87 -10.91 4.91
C GLY A 191 -10.70 -10.10 4.40
N GLY A 192 -9.50 -10.37 4.91
CA GLY A 192 -8.29 -9.60 4.60
C GLY A 192 -8.01 -8.50 5.61
N ILE A 193 -6.81 -7.94 5.51
CA ILE A 193 -6.28 -6.98 6.52
C ILE A 193 -6.71 -5.57 6.12
N ASP A 194 -7.68 -5.00 6.82
CA ASP A 194 -8.17 -3.63 6.50
C ASP A 194 -7.00 -2.68 6.63
N THR A 195 -6.84 -1.77 5.66
CA THR A 195 -5.67 -0.86 5.59
C THR A 195 -6.14 0.51 5.18
N LYS A 196 -5.88 1.53 5.99
CA LYS A 196 -6.28 2.93 5.67
C LYS A 196 -5.42 3.40 4.51
N VAL A 197 -6.06 4.03 3.55
CA VAL A 197 -5.36 4.86 2.54
C VAL A 197 -5.36 6.30 3.02
N TYR A 198 -4.17 6.83 3.27
CA TYR A 198 -4.00 8.20 3.76
C TYR A 198 -3.77 9.13 2.57
N CYS A 199 -4.28 10.34 2.72
CA CYS A 199 -3.94 11.45 1.81
C CYS A 199 -3.05 12.44 2.58
N TYR A 200 -1.77 12.50 2.25
CA TYR A 200 -0.86 13.54 2.74
C TYR A 200 -0.87 14.67 1.71
N TYR A 201 -1.18 15.89 2.13
CA TYR A 201 -1.29 17.07 1.24
C TYR A 201 -0.57 18.27 1.83
N ASN A 202 0.16 18.97 0.97
CA ASN A 202 0.89 20.21 1.31
C ASN A 202 -0.08 21.19 1.97
N THR A 203 0.37 21.87 3.03
CA THR A 203 -0.50 22.69 3.92
C THR A 203 -1.17 23.77 3.08
N ALA A 204 -0.51 24.21 2.00
CA ALA A 204 -1.01 25.24 1.06
C ALA A 204 -2.43 24.90 0.63
N LEU A 205 -2.64 23.64 0.26
CA LEU A 205 -3.88 23.18 -0.39
C LEU A 205 -5.05 23.22 0.60
N GLU A 206 -4.80 23.32 1.90
CA GLU A 206 -5.85 23.07 2.92
C GLU A 206 -6.99 24.07 2.73
N SER A 207 -6.64 25.29 2.32
CA SER A 207 -7.61 26.38 2.03
C SER A 207 -8.31 26.10 0.70
N GLU A 208 -7.55 25.88 -0.38
CA GLU A 208 -8.03 25.92 -1.79
C GLU A 208 -9.21 24.95 -1.99
N ARG A 209 -10.31 25.49 -2.48
CA ARG A 209 -11.59 24.76 -2.71
C ARG A 209 -11.32 23.55 -3.63
N SER A 210 -10.52 23.73 -4.68
CA SER A 210 -10.27 22.69 -5.71
C SER A 210 -9.78 21.40 -5.03
N PHE A 211 -9.05 21.54 -3.92
CA PHE A 211 -8.53 20.39 -3.14
C PHE A 211 -9.68 19.74 -2.37
N LEU A 212 -10.48 20.51 -1.64
CA LEU A 212 -11.69 20.00 -0.94
C LEU A 212 -12.57 19.27 -1.96
N ARG A 213 -12.62 19.78 -3.20
CA ARG A 213 -13.41 19.14 -4.27
C ARG A 213 -12.86 17.74 -4.42
N PHE A 214 -11.55 17.65 -4.60
CA PHE A 214 -10.85 16.37 -4.88
C PHE A 214 -11.15 15.36 -3.77
N LEU A 215 -10.99 15.78 -2.51
CA LEU A 215 -11.26 14.97 -1.30
C LEU A 215 -12.66 14.36 -1.44
N GLU A 216 -13.69 15.21 -1.37
CA GLU A 216 -15.10 14.77 -1.29
C GLU A 216 -15.38 13.85 -2.47
N SER A 217 -14.90 14.22 -3.66
CA SER A 217 -15.14 13.47 -4.91
C SER A 217 -14.46 12.10 -4.83
N ALA A 218 -13.14 12.08 -4.71
CA ALA A 218 -12.35 10.83 -4.58
C ALA A 218 -12.98 9.95 -3.50
N ARG A 219 -13.11 10.47 -2.28
CA ARG A 219 -13.70 9.75 -1.13
C ARG A 219 -15.01 9.12 -1.57
N GLN A 220 -15.96 9.98 -1.98
CA GLN A 220 -17.37 9.60 -2.27
C GLN A 220 -17.37 8.58 -3.41
N ARG A 221 -16.38 8.64 -4.29
CA ARG A 221 -16.30 7.74 -5.45
C ARG A 221 -15.72 6.38 -5.05
N LEU A 222 -15.22 6.22 -3.82
CA LEU A 222 -14.70 4.89 -3.36
C LEU A 222 -15.67 4.26 -2.39
N ARG A 223 -16.50 5.09 -1.73
CA ARG A 223 -17.72 4.63 -1.02
C ARG A 223 -18.65 4.00 -2.05
N GLU A 224 -18.81 4.65 -3.20
CA GLU A 224 -19.71 4.22 -4.30
C GLU A 224 -18.98 3.24 -5.24
N LEU A 225 -17.75 2.83 -4.90
CA LEU A 225 -17.01 1.74 -5.62
C LEU A 225 -16.36 0.80 -4.59
N GLY A 226 -17.21 0.22 -3.71
CA GLY A 226 -16.89 -0.86 -2.75
C GLY A 226 -15.42 -0.86 -2.32
C1 EDO B . 11.74 -21.23 4.52
O1 EDO B . 10.97 -20.56 5.50
C2 EDO B . 12.53 -22.32 5.16
O2 EDO B . 13.93 -22.29 4.92
H11 EDO B . 12.34 -20.59 4.08
H12 EDO B . 11.14 -21.60 3.84
HO1 EDO B . 10.52 -20.01 5.22
H21 EDO B . 12.18 -23.19 4.84
H22 EDO B . 12.38 -22.29 6.13
HO2 EDO B . 14.09 -21.94 4.17
S1 Q25 C . -0.89 -6.93 9.64
C2 Q25 C . 0.15 -12.46 11.40
C3 Q25 C . -0.26 -11.64 10.20
C4 Q25 C . -0.07 -10.17 10.36
C5 Q25 C . 1.11 -9.62 9.57
C7 Q25 C . 0.83 -7.12 9.46
C9 Q25 C . 1.12 -3.91 7.98
C10 Q25 C . 2.27 -4.54 5.90
C11 Q25 C . 1.34 -4.33 3.82
C12 Q25 C . 1.45 -4.48 2.42
C16 Q25 C . 0.15 -3.78 4.36
C1 Q25 C . -0.53 -13.80 11.44
C6 Q25 C . 1.60 -8.27 10.05
N1 Q25 C . 1.40 -6.17 8.77
C8 Q25 C . 0.58 -5.14 8.60
N2 Q25 C . 1.14 -4.05 6.52
N3 Q25 C . 2.40 -4.71 4.64
C13 Q25 C . 0.43 -4.12 1.60
C14 Q25 C . -0.74 -3.60 2.16
CL1 Q25 C . -2.07 -3.18 1.11
C15 Q25 C . -0.89 -3.43 3.50
C17 Q25 C . 0.03 -3.64 5.80
O1 Q25 C . -0.94 -3.20 6.38
C18 Q25 C . -0.67 -5.32 9.07
H4 Q25 C . 1.12 -12.57 11.39
H5 Q25 C . -0.09 -11.95 12.22
H6 Q25 C . -1.20 -11.83 10.01
H7 Q25 C . 0.26 -11.96 9.43
H8 Q25 C . 0.06 -9.96 11.31
H9 Q25 C . -0.89 -9.71 10.07
H10 Q25 C . 0.84 -9.54 8.64
H11 Q25 C . 1.84 -10.26 9.62
H15 Q25 C . 0.57 -3.15 8.23
H14 Q25 C . 2.02 -3.75 8.30
H16 Q25 C . 2.98 -4.78 6.44
H17 Q25 C . 2.25 -4.84 2.06
H2 Q25 C . -0.33 -14.29 10.62
H3 Q25 C . -1.49 -13.68 11.52
H1 Q25 C . -0.20 -14.31 12.19
H12 Q25 C . 2.54 -8.16 9.82
H13 Q25 C . 1.52 -8.23 11.02
H18 Q25 C . 0.50 -4.23 0.67
H19 Q25 C . -1.70 -3.09 3.85
H20 Q25 C . -1.33 -4.62 9.06
#